data_5I69
#
_entry.id   5I69
#
_cell.length_a   67.236
_cell.length_b   67.236
_cell.length_c   209.019
_cell.angle_alpha   90.00
_cell.angle_beta   90.00
_cell.angle_gamma   90.00
#
_symmetry.space_group_name_H-M   'P 43 21 2'
#
loop_
_entity.id
_entity.type
_entity.pdbx_description
1 polymer 'Maltose-binding periplasmic protein,Tightly bound bacterial magnetic particle protein,Maltose-binding periplasmic protein'
2 branched alpha-D-glucopyranose-(1-4)-alpha-D-glucopyranose
3 non-polymer 'SULFATE ION'
4 water water
#
_entity_poly.entity_id   1
_entity_poly.type   'polypeptide(L)'
_entity_poly.pdbx_seq_one_letter_code
;MGSSHHHHHHSSGLVPRGSHMKIEEGKLVIWINGDKGYNGLAEVGKKFEKDTGIKVTVEHPDKLEEKFPQVAATGDGPDI
IFWAHDRFGGYAQSGLLAEITPDKAFQDKLYPFTWDAVRYNGKLIAYPIAVEALSLIYNKDLLPNPPKTWEEIPALDKEL
KAKGKSALMFNLQEPYFTWPLIAADGGYAFKYENGKYDIKDVGVDNAGAKAGLTFLVDLIKNKHMNADTDYSIAEAAFNK
GETAMTINGPWAWSNIDTSKVNYGVTVLPTFKGQPSKPFVGVLSAGINAASPNKELAKEFLENYLLTDEGLEAVNKDKPL
GAVALKSYEEELAKDPRIAATMENAQKGEIMPNIPQMSAFWYAVRTAVINAASGRQTVDEALKDLKEKRITNTEAAIATG
KETVGAQTNSSS
;
_entity_poly.pdbx_strand_id   A
#
loop_
_chem_comp.id
_chem_comp.type
_chem_comp.name
_chem_comp.formula
GLC D-saccharide, alpha linking alpha-D-glucopyranose 'C6 H12 O6'
SO4 non-polymer 'SULFATE ION' 'O4 S -2'
#
# COMPACT_ATOMS: atom_id res chain seq x y z
N LYS A 22 2.55 -26.43 13.10
CA LYS A 22 3.31 -26.07 14.33
C LYS A 22 4.56 -25.26 13.96
N ILE A 23 4.84 -24.19 14.72
CA ILE A 23 5.97 -23.29 14.46
C ILE A 23 7.18 -23.74 15.28
N GLU A 24 8.36 -23.73 14.67
CA GLU A 24 9.59 -24.21 15.33
C GLU A 24 10.18 -23.16 16.28
N GLU A 25 10.47 -23.60 17.51
CA GLU A 25 11.10 -22.76 18.51
C GLU A 25 12.60 -22.74 18.23
N GLY A 26 13.24 -21.59 18.36
CA GLY A 26 14.65 -21.41 18.02
C GLY A 26 14.89 -21.03 16.56
N LYS A 27 13.92 -20.36 15.98
CA LYS A 27 13.93 -20.05 14.56
C LYS A 27 12.93 -18.91 14.29
N LEU A 28 13.19 -18.09 13.27
CA LEU A 28 12.21 -17.13 12.81
C LEU A 28 11.87 -17.44 11.35
N VAL A 29 10.58 -17.43 11.04
CA VAL A 29 10.10 -17.41 9.66
C VAL A 29 9.43 -16.05 9.52
N ILE A 30 9.78 -15.32 8.49
CA ILE A 30 9.21 -14.00 8.26
C ILE A 30 8.49 -13.96 6.90
N TRP A 31 7.30 -13.35 6.87
CA TRP A 31 6.53 -13.21 5.62
C TRP A 31 6.45 -11.73 5.22
N ILE A 32 6.82 -11.44 3.97
CA ILE A 32 6.72 -10.10 3.39
C ILE A 32 6.31 -10.22 1.92
N ASN A 33 5.73 -9.17 1.38
CA ASN A 33 5.25 -9.19 0.00
C ASN A 33 6.33 -9.21 -1.05
N GLY A 34 6.06 -9.96 -2.11
CA GLY A 34 6.98 -10.07 -3.27
C GLY A 34 7.53 -8.77 -3.82
N ASP A 35 6.73 -7.70 -3.79
CA ASP A 35 7.19 -6.38 -4.29
C ASP A 35 8.22 -5.64 -3.39
N LYS A 36 8.32 -6.03 -2.12
CA LYS A 36 9.22 -5.42 -1.15
C LYS A 36 10.62 -6.05 -1.18
N GLY A 37 11.55 -5.44 -0.47
CA GLY A 37 12.92 -5.93 -0.41
C GLY A 37 13.17 -7.15 0.47
N TYR A 38 12.58 -8.29 0.11
CA TYR A 38 12.81 -9.55 0.85
C TYR A 38 14.31 -10.00 0.96
N ASN A 39 15.19 -9.60 0.03
CA ASN A 39 16.60 -9.99 0.08
C ASN A 39 17.43 -9.13 1.03
N GLY A 40 17.17 -7.83 1.05
CA GLY A 40 17.77 -6.97 2.07
C GLY A 40 17.41 -7.42 3.50
N LEU A 41 16.14 -7.78 3.70
CA LEU A 41 15.65 -8.27 4.97
C LEU A 41 16.28 -9.59 5.32
N ALA A 42 16.57 -10.43 4.32
CA ALA A 42 17.39 -11.62 4.53
C ALA A 42 18.83 -11.31 5.01
N GLU A 43 19.47 -10.25 4.51
CA GLU A 43 20.75 -9.77 5.08
C GLU A 43 20.64 -9.37 6.56
N VAL A 44 19.54 -8.73 6.94
CA VAL A 44 19.31 -8.48 8.36
C VAL A 44 19.12 -9.81 9.09
N GLY A 45 18.47 -10.76 8.42
CA GLY A 45 18.37 -12.13 8.90
C GLY A 45 19.70 -12.83 9.20
N LYS A 46 20.65 -12.70 8.29
CA LYS A 46 21.95 -13.37 8.44
C LYS A 46 22.89 -12.70 9.43
N LYS A 47 22.69 -11.40 9.67
CA LYS A 47 23.37 -10.63 10.69
C LYS A 47 22.87 -11.08 12.05
N PHE A 48 21.54 -11.21 12.16
CA PHE A 48 20.87 -11.71 13.34
C PHE A 48 21.36 -13.10 13.66
N GLU A 49 21.34 -13.99 12.65
CA GLU A 49 21.97 -15.32 12.78
C GLU A 49 23.42 -15.33 13.33
N LYS A 50 24.23 -14.38 12.91
CA LYS A 50 25.63 -14.32 13.30
C LYS A 50 25.73 -13.95 14.77
N ASP A 51 24.99 -12.94 15.19
CA ASP A 51 25.00 -12.52 16.57
C ASP A 51 24.36 -13.51 17.56
N THR A 52 23.23 -14.10 17.17
CA THR A 52 22.46 -14.95 18.07
C THR A 52 22.38 -16.44 17.86
N GLY A 53 22.75 -16.90 16.69
CA GLY A 53 22.67 -18.31 16.35
C GLY A 53 21.33 -18.79 15.81
N ILE A 54 20.33 -17.90 15.77
CA ILE A 54 18.97 -18.18 15.29
C ILE A 54 18.89 -18.01 13.74
N LYS A 55 18.41 -19.05 13.05
CA LYS A 55 18.28 -19.01 11.61
C LYS A 55 17.00 -18.23 11.29
N VAL A 56 17.11 -17.33 10.33
CA VAL A 56 15.99 -16.49 9.89
C VAL A 56 15.66 -16.91 8.46
N THR A 57 14.43 -17.40 8.24
CA THR A 57 13.96 -17.73 6.89
C THR A 57 12.94 -16.68 6.40
N VAL A 58 13.32 -15.88 5.41
CA VAL A 58 12.39 -14.94 4.75
C VAL A 58 11.68 -15.55 3.54
N GLU A 59 10.34 -15.40 3.50
CA GLU A 59 9.51 -15.90 2.40
C GLU A 59 8.55 -14.81 1.88
N HIS A 60 8.19 -14.91 0.60
CA HIS A 60 7.27 -13.96 -0.02
C HIS A 60 6.15 -14.71 -0.77
N PRO A 61 5.32 -15.48 -0.01
CA PRO A 61 4.27 -16.26 -0.67
C PRO A 61 3.21 -15.35 -1.28
N ASP A 62 2.50 -15.84 -2.30
CA ASP A 62 1.49 -15.02 -2.99
C ASP A 62 0.21 -14.96 -2.13
N LYS A 63 -0.62 -13.94 -2.38
CA LYS A 63 -1.85 -13.71 -1.62
C LYS A 63 -1.57 -13.88 -0.13
N LEU A 64 -0.50 -13.20 0.26
CA LEU A 64 0.06 -13.23 1.60
C LEU A 64 -1.00 -12.85 2.66
N GLU A 65 -1.59 -11.67 2.47
CA GLU A 65 -2.64 -11.13 3.34
C GLU A 65 -3.89 -12.05 3.54
N GLU A 66 -4.21 -12.88 2.54
CA GLU A 66 -5.28 -13.89 2.63
C GLU A 66 -4.76 -15.22 3.19
N LYS A 67 -3.50 -15.52 2.93
CA LYS A 67 -2.89 -16.77 3.39
C LYS A 67 -2.58 -16.73 4.89
N PHE A 68 -2.06 -15.60 5.40
CA PHE A 68 -1.78 -15.48 6.84
C PHE A 68 -2.99 -15.82 7.78
N PRO A 69 -4.19 -15.28 7.49
CA PRO A 69 -5.36 -15.59 8.38
C PRO A 69 -5.82 -17.03 8.45
N GLN A 70 -5.79 -17.73 7.31
CA GLN A 70 -6.20 -19.14 7.23
C GLN A 70 -5.20 -20.02 7.94
N VAL A 71 -3.94 -19.79 7.61
CA VAL A 71 -2.83 -20.59 8.09
C VAL A 71 -2.62 -20.33 9.59
N ALA A 72 -2.55 -19.07 10.00
CA ALA A 72 -2.27 -18.71 11.42
C ALA A 72 -3.35 -19.13 12.41
N ALA A 73 -4.60 -19.09 11.99
CA ALA A 73 -5.74 -19.48 12.81
C ALA A 73 -5.65 -20.94 13.21
N THR A 74 -5.16 -21.76 12.28
CA THR A 74 -4.99 -23.19 12.48
C THR A 74 -3.57 -23.41 12.99
N GLY A 75 -2.68 -23.92 12.14
CA GLY A 75 -1.31 -24.11 12.56
C GLY A 75 -0.18 -24.13 11.54
N ASP A 76 0.71 -23.15 11.55
CA ASP A 76 0.56 -21.95 12.34
C ASP A 76 1.02 -20.70 11.63
N GLY A 77 1.75 -20.88 10.53
CA GLY A 77 2.25 -19.74 9.77
C GLY A 77 3.55 -19.24 10.32
N PRO A 78 4.02 -18.11 9.80
CA PRO A 78 5.28 -17.49 10.22
C PRO A 78 5.31 -16.83 11.59
N ASP A 79 6.51 -16.60 12.11
CA ASP A 79 6.66 -15.91 13.41
C ASP A 79 6.37 -14.40 13.30
N ILE A 80 6.77 -13.79 12.19
CA ILE A 80 6.60 -12.36 11.97
C ILE A 80 5.89 -12.17 10.65
N ILE A 81 4.92 -11.25 10.59
CA ILE A 81 4.17 -10.95 9.34
C ILE A 81 4.31 -9.49 8.95
N PHE A 82 4.74 -9.22 7.72
CA PHE A 82 4.79 -7.85 7.15
C PHE A 82 3.62 -7.54 6.22
N TRP A 83 2.96 -6.43 6.48
CA TRP A 83 1.94 -5.86 5.61
C TRP A 83 1.70 -4.42 6.04
N ALA A 84 1.06 -3.65 5.21
CA ALA A 84 0.59 -2.34 5.57
C ALA A 84 -0.42 -2.46 6.69
N HIS A 85 -0.54 -1.39 7.49
CA HIS A 85 -1.31 -1.44 8.72
C HIS A 85 -2.81 -1.72 8.54
N ASP A 86 -3.35 -1.45 7.37
CA ASP A 86 -4.78 -1.50 7.22
C ASP A 86 -5.39 -2.84 7.53
N ARG A 87 -4.63 -3.92 7.34
CA ARG A 87 -5.15 -5.27 7.63
C ARG A 87 -4.98 -5.78 9.06
N PHE A 88 -4.28 -5.03 9.91
CA PHE A 88 -3.86 -5.54 11.21
C PHE A 88 -4.97 -5.53 12.30
N GLY A 89 -5.99 -4.68 12.15
CA GLY A 89 -7.11 -4.67 13.07
C GLY A 89 -7.85 -5.98 12.99
N GLY A 90 -8.16 -6.41 11.77
CA GLY A 90 -8.82 -7.69 11.56
C GLY A 90 -8.03 -8.86 12.08
N TYR A 91 -6.71 -8.79 11.95
CA TYR A 91 -5.81 -9.81 12.51
C TYR A 91 -5.87 -9.83 14.07
N ALA A 92 -5.66 -8.69 14.72
CA ALA A 92 -5.85 -8.58 16.18
C ALA A 92 -7.22 -9.09 16.59
N GLN A 93 -8.26 -8.71 15.87
CA GLN A 93 -9.60 -9.11 16.24
C GLN A 93 -9.76 -10.62 16.11
N SER A 94 -9.17 -11.21 15.08
CA SER A 94 -9.13 -12.67 14.95
C SER A 94 -8.27 -13.39 16.00
N GLY A 95 -7.43 -12.64 16.72
CA GLY A 95 -6.62 -13.14 17.82
C GLY A 95 -5.22 -13.53 17.38
N LEU A 96 -4.82 -13.13 16.17
CA LEU A 96 -3.66 -13.73 15.52
C LEU A 96 -2.38 -13.05 15.85
N LEU A 97 -2.45 -11.86 16.42
CA LEU A 97 -1.23 -11.08 16.64
C LEU A 97 -0.91 -11.04 18.11
N ALA A 98 0.31 -11.39 18.50
CA ALA A 98 0.77 -11.19 19.88
C ALA A 98 0.87 -9.71 20.14
N GLU A 99 0.18 -9.22 21.17
CA GLU A 99 0.31 -7.82 21.57
C GLU A 99 1.78 -7.55 21.91
N ILE A 100 2.33 -6.51 21.29
CA ILE A 100 3.73 -6.14 21.44
C ILE A 100 3.94 -5.32 22.71
N THR A 101 5.20 -5.11 23.08
CA THR A 101 5.59 -4.48 24.36
C THR A 101 6.79 -3.52 24.19
N PRO A 102 6.66 -2.53 23.31
CA PRO A 102 7.76 -1.56 23.19
C PRO A 102 7.69 -0.53 24.30
N ASP A 103 8.83 -0.21 24.90
CA ASP A 103 8.85 0.78 25.99
C ASP A 103 8.91 2.21 25.40
N LYS A 104 8.83 3.21 26.29
CA LYS A 104 8.78 4.61 25.87
C LYS A 104 10.02 5.07 25.12
N ALA A 105 11.19 4.65 25.59
CA ALA A 105 12.45 4.93 24.90
C ALA A 105 12.46 4.39 23.47
N PHE A 106 11.89 3.19 23.26
CA PHE A 106 11.85 2.65 21.92
C PHE A 106 10.90 3.46 21.03
N GLN A 107 9.69 3.65 21.54
CA GLN A 107 8.66 4.43 20.85
C GLN A 107 9.15 5.75 20.29
N ASP A 108 9.85 6.55 21.10
CA ASP A 108 10.32 7.90 20.66
C ASP A 108 11.35 7.90 19.53
N LYS A 109 11.96 6.75 19.24
CA LYS A 109 12.79 6.61 18.03
C LYS A 109 11.98 6.61 16.72
N LEU A 110 10.68 6.30 16.81
CA LEU A 110 9.74 6.33 15.68
C LEU A 110 8.76 7.51 15.74
N TYR A 111 8.31 7.97 14.56
CA TYR A 111 7.41 9.09 14.44
C TYR A 111 6.04 8.75 15.05
N PRO A 112 5.55 9.58 16.00
CA PRO A 112 4.24 9.39 16.68
C PRO A 112 3.05 8.94 15.82
N PHE A 113 2.94 9.47 14.60
CA PHE A 113 1.81 9.13 13.72
C PHE A 113 1.90 7.74 13.07
N THR A 114 3.12 7.18 12.97
CA THR A 114 3.29 5.79 12.55
C THR A 114 2.87 4.83 13.63
N TRP A 115 3.04 5.20 14.91
CA TRP A 115 2.47 4.41 16.03
C TRP A 115 0.96 4.44 16.03
N ASP A 116 0.39 5.61 15.78
CA ASP A 116 -1.07 5.74 15.66
C ASP A 116 -1.67 4.76 14.66
N ALA A 117 -1.01 4.58 13.50
CA ALA A 117 -1.50 3.65 12.46
C ALA A 117 -1.50 2.18 12.90
N VAL A 118 -0.64 1.83 13.87
CA VAL A 118 -0.62 0.47 14.44
C VAL A 118 -1.30 0.34 15.81
N ARG A 119 -2.08 1.36 16.22
CA ARG A 119 -2.86 1.33 17.47
C ARG A 119 -4.27 0.85 17.19
N TYR A 120 -4.77 -0.06 18.02
CA TYR A 120 -6.11 -0.63 17.84
C TYR A 120 -6.74 -0.93 19.23
N ASN A 121 -7.90 -0.33 19.48
CA ASN A 121 -8.54 -0.36 20.81
C ASN A 121 -7.61 0.01 21.97
N GLY A 122 -6.76 1.02 21.76
CA GLY A 122 -5.86 1.51 22.79
C GLY A 122 -4.51 0.82 22.91
N LYS A 123 -4.33 -0.32 22.24
CA LYS A 123 -3.12 -1.13 22.36
C LYS A 123 -2.36 -1.11 21.06
N LEU A 124 -1.01 -1.14 21.14
CA LEU A 124 -0.18 -1.30 19.94
C LEU A 124 -0.17 -2.78 19.60
N ILE A 125 -0.27 -3.08 18.30
CA ILE A 125 -0.30 -4.46 17.80
C ILE A 125 0.73 -4.82 16.70
N ALA A 126 1.59 -3.88 16.33
CA ALA A 126 2.64 -4.16 15.36
C ALA A 126 3.70 -3.07 15.38
N TYR A 127 4.89 -3.41 14.92
CA TYR A 127 5.95 -2.42 14.81
C TYR A 127 5.87 -1.78 13.42
N PRO A 128 5.80 -0.45 13.35
CA PRO A 128 5.76 0.25 12.06
C PRO A 128 7.13 0.42 11.46
N ILE A 129 7.23 0.20 10.14
CA ILE A 129 8.51 0.21 9.42
C ILE A 129 8.64 1.44 8.57
N ALA A 130 7.69 1.64 7.65
CA ALA A 130 7.79 2.73 6.67
C ALA A 130 6.48 3.20 6.07
N VAL A 131 6.53 4.41 5.53
CA VAL A 131 5.35 5.13 5.09
C VAL A 131 5.29 5.17 3.56
N GLU A 132 4.28 4.50 3.03
CA GLU A 132 4.16 4.20 1.62
C GLU A 132 3.09 5.07 1.03
N ALA A 133 3.42 5.77 -0.07
CA ALA A 133 2.45 6.62 -0.76
C ALA A 133 2.75 6.55 -2.23
N LEU A 134 1.71 6.35 -3.02
CA LEU A 134 1.85 6.32 -4.45
C LEU A 134 2.25 7.71 -4.93
N SER A 135 3.09 7.77 -5.96
CA SER A 135 3.39 9.04 -6.62
C SER A 135 3.28 8.88 -8.11
N LEU A 136 3.25 10.01 -8.80
CA LEU A 136 3.42 10.01 -10.24
C LEU A 136 4.91 9.81 -10.53
N ILE A 137 5.18 8.82 -11.38
CA ILE A 137 6.50 8.52 -11.85
C ILE A 137 6.47 8.80 -13.35
N TYR A 138 7.40 9.61 -13.86
CA TYR A 138 7.37 9.99 -15.31
C TYR A 138 8.75 9.86 -16.00
N ASN A 139 8.69 9.62 -17.30
CA ASN A 139 9.87 9.51 -18.17
C ASN A 139 10.26 10.90 -18.67
N LYS A 140 11.43 11.39 -18.25
CA LYS A 140 11.86 12.75 -18.58
C LYS A 140 12.20 12.96 -20.07
N ASP A 141 12.64 11.89 -20.72
CA ASP A 141 12.98 11.97 -22.14
C ASP A 141 11.70 12.03 -22.95
N LEU A 142 10.70 11.18 -22.67
CA LEU A 142 9.39 11.25 -23.35
C LEU A 142 8.56 12.45 -22.96
N LEU A 143 8.68 12.91 -21.72
CA LEU A 143 7.81 13.93 -21.15
C LEU A 143 8.57 14.81 -20.16
N PRO A 144 9.41 15.74 -20.66
CA PRO A 144 10.16 16.61 -19.74
C PRO A 144 9.25 17.22 -18.66
N ASN A 145 8.15 17.87 -19.07
CA ASN A 145 7.27 18.61 -18.16
C ASN A 145 5.93 17.88 -17.89
N PRO A 146 5.87 17.08 -16.82
CA PRO A 146 4.69 16.23 -16.66
C PRO A 146 3.40 17.04 -16.36
N PRO A 147 2.22 16.50 -16.73
CA PRO A 147 0.99 17.21 -16.57
C PRO A 147 0.63 17.33 -15.11
N LYS A 148 0.12 18.50 -14.75
CA LYS A 148 -0.32 18.75 -13.40
C LYS A 148 -1.72 18.21 -13.14
N THR A 149 -2.52 18.00 -14.17
CA THR A 149 -3.86 17.55 -13.93
C THR A 149 -4.33 16.35 -14.72
N TRP A 150 -5.25 15.62 -14.13
CA TRP A 150 -5.87 14.50 -14.82
C TRP A 150 -6.53 14.95 -16.12
N GLU A 151 -7.14 16.13 -16.11
CA GLU A 151 -7.77 16.72 -17.30
C GLU A 151 -6.82 16.96 -18.48
N GLU A 152 -5.53 17.15 -18.23
CA GLU A 152 -4.55 17.28 -19.32
C GLU A 152 -4.15 15.95 -20.02
N ILE A 153 -4.44 14.81 -19.40
CA ILE A 153 -3.91 13.51 -19.86
C ILE A 153 -4.39 13.04 -21.24
N PRO A 154 -5.72 13.06 -21.50
CA PRO A 154 -6.22 12.66 -22.82
C PRO A 154 -5.44 13.28 -23.99
N ALA A 155 -5.27 14.60 -23.95
CA ALA A 155 -4.58 15.33 -25.04
C ALA A 155 -3.14 14.88 -25.21
N LEU A 156 -2.44 14.70 -24.10
CA LEU A 156 -1.08 14.14 -24.05
C LEU A 156 -1.01 12.74 -24.71
N ASP A 157 -1.96 11.87 -24.36
CA ASP A 157 -2.01 10.53 -24.93
C ASP A 157 -2.14 10.56 -26.44
N LYS A 158 -2.95 11.48 -26.94
CA LYS A 158 -3.13 11.66 -28.38
C LYS A 158 -1.82 12.11 -29.02
N GLU A 159 -1.11 13.03 -28.38
CA GLU A 159 0.20 13.49 -28.85
C GLU A 159 1.29 12.38 -28.81
N LEU A 160 1.21 11.48 -27.82
CA LEU A 160 2.16 10.35 -27.70
C LEU A 160 1.79 9.14 -28.54
N LYS A 161 0.50 8.93 -28.80
CA LYS A 161 0.06 7.87 -29.71
C LYS A 161 0.51 8.10 -31.15
N ALA A 162 0.69 9.38 -31.54
CA ALA A 162 1.30 9.74 -32.83
C ALA A 162 2.77 9.32 -32.97
N LYS A 163 3.46 9.08 -31.86
CA LYS A 163 4.87 8.62 -31.87
C LYS A 163 5.06 7.18 -31.35
N GLY A 164 3.97 6.41 -31.33
CA GLY A 164 3.99 4.99 -30.92
C GLY A 164 3.82 4.66 -29.43
N LYS A 165 3.77 5.69 -28.59
CA LYS A 165 3.82 5.50 -27.15
C LYS A 165 2.48 5.86 -26.50
N SER A 166 2.43 5.81 -25.18
CA SER A 166 1.16 5.87 -24.43
C SER A 166 1.42 6.82 -23.26
N ALA A 167 0.43 7.63 -22.92
CA ALA A 167 0.62 8.65 -21.88
C ALA A 167 0.79 8.08 -20.50
N LEU A 168 -0.19 7.28 -20.06
CA LEU A 168 -0.27 6.79 -18.69
C LEU A 168 -0.74 5.36 -18.64
N MET A 169 0.00 4.53 -17.91
CA MET A 169 -0.37 3.16 -17.72
C MET A 169 -0.09 2.74 -16.27
N PHE A 170 -1.15 2.42 -15.54
CA PHE A 170 -0.98 1.98 -14.18
C PHE A 170 -1.93 0.82 -13.86
N ASN A 171 -1.69 0.16 -12.73
CA ASN A 171 -2.51 -0.95 -12.30
C ASN A 171 -3.97 -0.61 -11.99
N LEU A 172 -4.90 -1.15 -12.78
CA LEU A 172 -6.34 -0.91 -12.64
C LEU A 172 -7.06 -2.09 -11.98
N GLN A 173 -6.34 -3.15 -11.66
CA GLN A 173 -6.93 -4.31 -10.98
C GLN A 173 -7.06 -4.18 -9.45
N GLU A 174 -6.14 -3.42 -8.85
CA GLU A 174 -6.11 -3.22 -7.43
C GLU A 174 -6.61 -1.81 -7.15
N PRO A 175 -7.67 -1.67 -6.36
CA PRO A 175 -8.25 -0.38 -5.95
C PRO A 175 -7.31 0.63 -5.24
N TYR A 176 -6.23 0.16 -4.65
CA TYR A 176 -5.23 1.03 -4.01
C TYR A 176 -4.72 2.05 -4.99
N PHE A 177 -4.58 1.64 -6.25
CA PHE A 177 -4.04 2.50 -7.30
C PHE A 177 -5.03 3.51 -7.90
N THR A 178 -6.31 3.15 -7.98
CA THR A 178 -7.35 4.04 -8.53
C THR A 178 -7.93 4.96 -7.50
N TRP A 179 -7.82 4.56 -6.23
CA TRP A 179 -8.35 5.31 -5.09
C TRP A 179 -7.96 6.80 -5.03
N PRO A 180 -6.69 7.14 -5.29
CA PRO A 180 -6.32 8.55 -5.24
C PRO A 180 -7.26 9.47 -6.02
N LEU A 181 -7.76 8.97 -7.17
CA LEU A 181 -8.65 9.71 -8.06
C LEU A 181 -10.11 9.70 -7.58
N ILE A 182 -10.54 8.57 -7.02
CA ILE A 182 -11.89 8.48 -6.45
C ILE A 182 -12.03 9.42 -5.23
N ALA A 183 -11.02 9.41 -4.35
CA ALA A 183 -11.01 10.23 -3.15
C ALA A 183 -10.86 11.71 -3.47
N ALA A 184 -10.18 12.03 -4.59
CA ALA A 184 -9.74 13.42 -4.90
C ALA A 184 -10.79 14.50 -4.70
N ASP A 185 -11.99 14.22 -5.18
CA ASP A 185 -13.09 15.17 -5.18
C ASP A 185 -14.12 15.07 -4.06
N GLY A 186 -13.86 14.25 -3.08
CA GLY A 186 -14.77 14.09 -1.94
C GLY A 186 -15.08 12.68 -1.49
N GLY A 187 -14.68 11.66 -2.27
CA GLY A 187 -14.92 10.27 -1.92
C GLY A 187 -14.06 9.84 -0.74
N TYR A 188 -14.56 8.85 -0.01
CA TYR A 188 -13.88 8.34 1.17
C TYR A 188 -14.48 6.97 1.52
N ALA A 189 -13.78 6.18 2.34
CA ALA A 189 -14.22 4.83 2.68
C ALA A 189 -15.21 4.90 3.86
N PHE A 190 -14.70 5.10 5.09
CA PHE A 190 -15.53 5.28 6.27
C PHE A 190 -15.23 6.65 6.87
N LYS A 191 -16.26 7.28 7.43
CA LYS A 191 -16.21 8.64 7.94
C LYS A 191 -15.44 8.70 9.25
N TYR A 192 -14.71 9.80 9.44
CA TYR A 192 -13.97 10.14 10.66
C TYR A 192 -14.50 11.54 11.05
N GLU A 193 -15.36 11.79 12.07
CA GLU A 193 -15.88 10.96 13.18
C GLU A 193 -15.20 11.41 14.49
N ASN A 194 -15.81 11.08 15.64
CA ASN A 194 -15.36 11.50 17.01
C ASN A 194 -13.85 11.69 17.32
N GLY A 195 -12.97 10.71 17.04
CA GLY A 195 -13.33 9.37 16.60
C GLY A 195 -12.10 8.54 16.26
N LYS A 196 -12.21 7.27 15.90
CA LYS A 196 -13.44 6.50 15.83
C LYS A 196 -13.83 6.56 14.32
N TYR A 197 -14.17 5.43 13.70
CA TYR A 197 -14.58 5.39 12.29
C TYR A 197 -16.00 4.83 12.19
N ASP A 198 -16.89 5.53 11.49
CA ASP A 198 -18.29 5.11 11.42
C ASP A 198 -18.45 4.18 10.24
N ILE A 199 -18.56 2.87 10.49
CA ILE A 199 -18.75 1.90 9.41
C ILE A 199 -20.12 1.91 8.76
N LYS A 200 -21.09 2.61 9.36
CA LYS A 200 -22.37 2.88 8.70
C LYS A 200 -22.29 4.05 7.72
N ASP A 201 -21.33 4.96 7.89
CA ASP A 201 -21.17 6.12 6.99
C ASP A 201 -20.09 5.89 5.90
N VAL A 202 -20.56 5.46 4.74
CA VAL A 202 -19.71 5.11 3.60
C VAL A 202 -19.69 6.29 2.61
N GLY A 203 -18.50 6.72 2.20
CA GLY A 203 -18.35 7.82 1.24
C GLY A 203 -17.99 7.34 -0.16
N VAL A 204 -18.58 6.22 -0.57
CA VAL A 204 -18.16 5.52 -1.78
C VAL A 204 -19.17 5.64 -2.93
N ASP A 205 -20.40 6.05 -2.63
CA ASP A 205 -21.36 6.49 -3.64
C ASP A 205 -21.65 7.99 -3.56
N ASN A 206 -20.82 8.78 -2.89
CA ASN A 206 -21.08 10.22 -2.86
C ASN A 206 -20.60 10.84 -4.17
N ALA A 207 -20.83 12.13 -4.35
CA ALA A 207 -20.59 12.77 -5.65
C ALA A 207 -19.10 12.75 -6.07
N GLY A 208 -18.20 13.03 -5.13
CA GLY A 208 -16.77 12.99 -5.38
C GLY A 208 -16.23 11.67 -5.94
N ALA A 209 -16.77 10.55 -5.45
CA ALA A 209 -16.36 9.24 -5.94
C ALA A 209 -16.95 8.97 -7.32
N LYS A 210 -18.24 9.22 -7.48
CA LYS A 210 -18.88 9.09 -8.77
C LYS A 210 -18.08 9.87 -9.82
N ALA A 211 -17.73 11.10 -9.48
CA ALA A 211 -16.98 11.94 -10.41
C ALA A 211 -15.57 11.37 -10.72
N GLY A 212 -14.87 10.88 -9.70
CA GLY A 212 -13.55 10.35 -9.91
C GLY A 212 -13.58 9.08 -10.75
N LEU A 213 -14.50 8.19 -10.45
CA LEU A 213 -14.56 6.94 -11.18
C LEU A 213 -15.08 7.17 -12.57
N THR A 214 -16.02 8.11 -12.74
CA THR A 214 -16.54 8.47 -14.06
C THR A 214 -15.43 8.96 -14.95
N PHE A 215 -14.55 9.82 -14.42
CA PHE A 215 -13.42 10.31 -15.18
C PHE A 215 -12.51 9.15 -15.62
N LEU A 216 -12.24 8.23 -14.71
CA LEU A 216 -11.42 7.05 -15.00
C LEU A 216 -12.02 6.17 -16.13
N VAL A 217 -13.32 5.91 -16.06
CA VAL A 217 -14.00 5.12 -17.08
C VAL A 217 -14.02 5.89 -18.41
N ASP A 218 -14.09 7.22 -18.36
CA ASP A 218 -14.01 8.03 -19.59
C ASP A 218 -12.65 7.81 -20.28
N LEU A 219 -11.55 7.84 -19.54
CA LEU A 219 -10.24 7.51 -20.13
C LEU A 219 -10.20 6.14 -20.86
N ILE A 220 -10.91 5.17 -20.28
CA ILE A 220 -10.99 3.81 -20.81
C ILE A 220 -11.96 3.70 -21.99
N LYS A 221 -13.03 4.47 -21.98
CA LYS A 221 -13.93 4.50 -23.14
C LYS A 221 -13.25 5.14 -24.35
N ASN A 222 -12.38 6.13 -24.11
CA ASN A 222 -11.67 6.79 -25.19
C ASN A 222 -10.30 6.17 -25.51
N LYS A 223 -10.06 4.94 -25.09
CA LYS A 223 -8.88 4.19 -25.50
C LYS A 223 -7.55 4.79 -25.00
N HIS A 224 -7.62 5.67 -23.97
CA HIS A 224 -6.44 6.26 -23.31
C HIS A 224 -5.82 5.31 -22.25
N MET A 225 -6.64 4.47 -21.63
CA MET A 225 -6.17 3.34 -20.83
C MET A 225 -6.92 2.06 -21.20
N ASN A 226 -6.42 0.93 -20.70
CA ASN A 226 -7.12 -0.36 -20.80
C ASN A 226 -7.64 -0.90 -19.48
N ALA A 227 -8.89 -1.34 -19.49
CA ALA A 227 -9.52 -1.93 -18.30
C ALA A 227 -8.66 -2.95 -17.56
N ASP A 228 -8.02 -3.83 -18.32
CA ASP A 228 -7.38 -5.04 -17.81
C ASP A 228 -5.83 -4.95 -17.64
N THR A 229 -5.26 -3.75 -17.81
CA THR A 229 -3.93 -3.42 -17.27
C THR A 229 -3.75 -3.76 -15.77
N ASP A 230 -2.59 -4.31 -15.42
CA ASP A 230 -2.33 -4.86 -14.11
C ASP A 230 -0.93 -4.43 -13.70
N TYR A 231 -0.46 -4.88 -12.55
CA TYR A 231 0.84 -4.40 -12.03
C TYR A 231 2.03 -4.74 -12.94
N SER A 232 2.09 -6.00 -13.39
CA SER A 232 3.16 -6.49 -14.30
C SER A 232 3.19 -5.70 -15.56
N ILE A 233 2.05 -5.69 -16.24
CA ILE A 233 1.96 -5.10 -17.56
C ILE A 233 2.41 -3.61 -17.51
N ALA A 234 1.91 -2.86 -16.52
CA ALA A 234 2.20 -1.42 -16.37
C ALA A 234 3.67 -1.14 -16.04
N GLU A 235 4.26 -1.99 -15.20
CA GLU A 235 5.67 -1.89 -14.90
C GLU A 235 6.52 -2.16 -16.13
N ALA A 236 6.18 -3.21 -16.89
CA ALA A 236 6.95 -3.56 -18.08
C ALA A 236 6.90 -2.39 -19.06
N ALA A 237 5.72 -1.79 -19.17
CA ALA A 237 5.51 -0.70 -20.08
C ALA A 237 6.39 0.51 -19.78
N PHE A 238 6.34 0.98 -18.54
CA PHE A 238 7.10 2.15 -18.15
C PHE A 238 8.57 1.84 -18.25
N ASN A 239 8.95 0.67 -17.75
CA ASN A 239 10.36 0.35 -17.61
C ASN A 239 11.08 0.15 -18.97
N LYS A 240 10.36 -0.37 -19.97
CA LYS A 240 10.90 -0.51 -21.34
C LYS A 240 10.59 0.69 -22.23
N GLY A 241 10.35 1.87 -21.62
CA GLY A 241 10.30 3.16 -22.34
C GLY A 241 9.09 3.41 -23.25
N GLU A 242 8.02 2.64 -23.07
CA GLU A 242 6.82 2.68 -23.91
C GLU A 242 5.65 3.50 -23.29
N THR A 243 5.82 4.02 -22.07
CA THR A 243 4.83 4.90 -21.44
C THR A 243 5.54 6.11 -20.88
N ALA A 244 4.94 7.29 -21.02
CA ALA A 244 5.47 8.50 -20.41
C ALA A 244 5.34 8.50 -18.90
N MET A 245 4.30 7.82 -18.37
CA MET A 245 3.95 7.92 -16.95
C MET A 245 3.44 6.61 -16.35
N THR A 246 3.76 6.40 -15.09
CA THR A 246 3.08 5.40 -14.29
C THR A 246 2.74 5.96 -12.91
N ILE A 247 1.94 5.19 -12.17
CA ILE A 247 1.62 5.46 -10.76
C ILE A 247 2.04 4.24 -9.91
N ASN A 248 3.08 4.42 -9.11
CA ASN A 248 3.51 3.35 -8.23
C ASN A 248 4.06 3.92 -6.92
N GLY A 249 4.50 3.01 -6.05
CA GLY A 249 5.11 3.37 -4.75
C GLY A 249 6.62 3.26 -4.78
N PRO A 250 7.28 3.54 -3.64
CA PRO A 250 8.74 3.49 -3.60
C PRO A 250 9.35 2.13 -3.92
N TRP A 251 8.70 1.03 -3.53
CA TRP A 251 9.19 -0.34 -3.87
C TRP A 251 9.57 -0.51 -5.34
N ALA A 252 8.84 0.15 -6.23
CA ALA A 252 9.09 0.04 -7.65
C ALA A 252 10.29 0.84 -8.20
N TRP A 253 10.93 1.69 -7.41
CA TRP A 253 12.02 2.54 -7.91
C TRP A 253 13.26 1.73 -8.25
N SER A 254 13.46 0.64 -7.54
CA SER A 254 14.64 -0.18 -7.74
C SER A 254 14.72 -0.71 -9.17
N ASN A 255 13.60 -1.18 -9.71
CA ASN A 255 13.59 -1.70 -11.07
C ASN A 255 13.61 -0.64 -12.16
N ILE A 256 13.14 0.57 -11.88
CA ILE A 256 13.25 1.66 -12.85
C ILE A 256 14.70 2.10 -12.95
N ASP A 257 15.41 1.96 -11.84
CA ASP A 257 16.82 2.25 -11.75
C ASP A 257 17.58 1.32 -12.67
N THR A 258 17.19 0.06 -12.68
CA THR A 258 17.81 -0.97 -13.50
C THR A 258 17.61 -0.78 -14.98
N SER A 259 16.41 -0.40 -15.35
CA SER A 259 16.03 -0.20 -16.74
C SER A 259 16.82 0.90 -17.40
N LYS A 260 17.25 1.85 -16.59
CA LYS A 260 18.01 2.98 -17.05
C LYS A 260 17.17 4.12 -17.60
N VAL A 261 15.86 4.03 -17.42
CA VAL A 261 15.00 5.08 -17.88
C VAL A 261 15.26 6.26 -16.98
N ASN A 262 15.58 7.41 -17.54
CA ASN A 262 15.77 8.63 -16.73
C ASN A 262 14.36 9.02 -16.25
N TYR A 263 14.09 8.94 -14.93
CA TYR A 263 12.76 9.20 -14.40
C TYR A 263 12.77 10.20 -13.26
N GLY A 264 11.59 10.69 -12.95
CA GLY A 264 11.36 11.59 -11.81
C GLY A 264 10.08 11.15 -11.10
N VAL A 265 10.02 11.44 -9.81
CA VAL A 265 8.86 11.13 -8.99
C VAL A 265 8.30 12.48 -8.60
N THR A 266 6.98 12.64 -8.67
CA THR A 266 6.37 13.97 -8.50
C THR A 266 4.94 13.85 -7.98
N VAL A 267 4.36 14.98 -7.58
CA VAL A 267 2.99 15.02 -7.07
C VAL A 267 2.00 14.36 -8.04
N LEU A 268 1.00 13.69 -7.49
CA LEU A 268 -0.10 13.11 -8.29
C LEU A 268 -0.88 14.22 -8.95
N PRO A 269 -1.52 13.93 -10.08
CA PRO A 269 -2.25 15.01 -10.73
C PRO A 269 -3.52 15.39 -9.99
N THR A 270 -3.91 16.66 -10.08
CA THR A 270 -5.17 17.14 -9.50
C THR A 270 -6.35 16.83 -10.43
N PHE A 271 -7.55 16.79 -9.83
CA PHE A 271 -8.84 16.58 -10.50
C PHE A 271 -9.83 17.61 -9.96
N LYS A 272 -10.47 18.37 -10.86
CA LYS A 272 -11.21 19.60 -10.51
C LYS A 272 -10.41 20.53 -9.59
N GLY A 273 -9.12 20.64 -9.88
CA GLY A 273 -8.22 21.42 -9.06
C GLY A 273 -7.94 20.88 -7.66
N GLN A 274 -8.53 19.77 -7.30
CA GLN A 274 -8.30 19.14 -5.93
CA GLN A 274 -8.20 19.11 -6.01
C GLN A 274 -7.11 17.92 -5.97
N PRO A 275 -6.26 18.11 -4.98
CA PRO A 275 -5.24 17.05 -4.96
C PRO A 275 -5.83 15.65 -5.01
N SER A 276 -5.19 14.77 -5.79
CA SER A 276 -5.33 13.34 -5.58
C SER A 276 -4.95 13.02 -4.16
N LYS A 277 -5.72 12.14 -3.53
CA LYS A 277 -5.58 11.81 -2.12
C LYS A 277 -5.33 10.31 -1.99
N PRO A 278 -4.07 9.89 -2.14
CA PRO A 278 -3.79 8.47 -2.08
C PRO A 278 -3.97 7.94 -0.66
N PHE A 279 -4.53 6.75 -0.49
CA PHE A 279 -4.59 6.13 0.85
C PHE A 279 -3.15 5.80 1.23
N VAL A 280 -2.76 6.21 2.44
CA VAL A 280 -1.39 6.08 2.93
C VAL A 280 -1.32 4.84 3.81
N GLY A 281 -0.37 3.96 3.50
CA GLY A 281 -0.11 2.72 4.25
C GLY A 281 1.20 2.81 5.01
N VAL A 282 1.24 2.08 6.13
CA VAL A 282 2.37 2.04 7.06
C VAL A 282 2.77 0.58 7.04
N LEU A 283 3.85 0.28 6.35
CA LEU A 283 4.37 -1.08 6.31
C LEU A 283 4.68 -1.47 7.75
N SER A 284 4.16 -2.61 8.19
CA SER A 284 4.14 -2.95 9.60
C SER A 284 4.50 -4.39 9.79
N ALA A 285 5.04 -4.72 10.96
CA ALA A 285 5.45 -6.08 11.33
C ALA A 285 4.75 -6.53 12.59
N GLY A 286 3.97 -7.59 12.46
CA GLY A 286 3.28 -8.21 13.56
C GLY A 286 3.92 -9.52 13.96
N ILE A 287 3.77 -9.86 15.23
CA ILE A 287 4.25 -11.12 15.76
C ILE A 287 3.07 -12.09 15.86
N ASN A 288 3.20 -13.24 15.21
CA ASN A 288 2.19 -14.29 15.31
C ASN A 288 1.94 -14.66 16.78
N ALA A 289 0.67 -14.78 17.13
CA ALA A 289 0.25 -15.00 18.52
C ALA A 289 0.61 -16.39 18.99
N ALA A 290 0.70 -17.36 18.06
CA ALA A 290 1.06 -18.75 18.37
C ALA A 290 2.56 -19.07 18.22
N SER A 291 3.37 -18.07 17.86
CA SER A 291 4.82 -18.21 17.86
C SER A 291 5.37 -18.45 19.27
N PRO A 292 6.25 -19.45 19.43
CA PRO A 292 6.98 -19.60 20.68
C PRO A 292 8.28 -18.74 20.73
N ASN A 293 8.44 -17.82 19.77
CA ASN A 293 9.66 -17.06 19.61
C ASN A 293 9.27 -15.60 19.66
N LYS A 294 8.43 -15.24 20.61
CA LYS A 294 7.98 -13.85 20.72
C LYS A 294 9.12 -12.90 21.10
N GLU A 295 10.01 -13.37 21.96
CA GLU A 295 11.15 -12.55 22.39
C GLU A 295 12.12 -12.39 21.24
N LEU A 296 12.55 -13.51 20.64
CA LEU A 296 13.47 -13.48 19.49
C LEU A 296 12.99 -12.53 18.41
N ALA A 297 11.68 -12.57 18.16
CA ALA A 297 11.02 -11.68 17.21
C ALA A 297 11.14 -10.22 17.64
N LYS A 298 10.89 -9.97 18.93
CA LYS A 298 10.97 -8.63 19.50
C LYS A 298 12.41 -8.13 19.41
N GLU A 299 13.36 -8.94 19.86
CA GLU A 299 14.80 -8.69 19.57
C GLU A 299 15.08 -8.38 18.09
N PHE A 300 14.59 -9.23 17.17
CA PHE A 300 14.87 -9.04 15.73
C PHE A 300 14.40 -7.66 15.26
N LEU A 301 13.14 -7.34 15.55
CA LEU A 301 12.52 -6.12 15.03
C LEU A 301 13.12 -4.86 15.66
N GLU A 302 13.29 -4.85 16.97
CA GLU A 302 13.70 -3.62 17.67
C GLU A 302 15.21 -3.30 17.55
N ASN A 303 16.04 -4.33 17.45
CA ASN A 303 17.51 -4.19 17.59
C ASN A 303 18.35 -4.45 16.36
N TYR A 304 17.75 -5.10 15.36
CA TYR A 304 18.38 -5.43 14.11
C TYR A 304 17.67 -4.67 12.97
N LEU A 305 16.37 -4.88 12.78
CA LEU A 305 15.61 -4.18 11.73
C LEU A 305 15.47 -2.67 11.96
N LEU A 306 14.90 -2.25 13.07
CA LEU A 306 14.70 -0.80 13.29
C LEU A 306 15.97 -0.12 13.79
N THR A 307 17.03 -0.26 13.00
CA THR A 307 18.30 0.43 13.19
C THR A 307 18.61 1.07 11.84
N ASP A 308 19.50 2.06 11.84
CA ASP A 308 19.92 2.66 10.57
C ASP A 308 20.42 1.58 9.64
N GLU A 309 21.22 0.69 10.18
CA GLU A 309 21.87 -0.37 9.41
C GLU A 309 20.92 -1.41 8.80
N GLY A 310 19.91 -1.85 9.56
CA GLY A 310 18.93 -2.83 9.10
C GLY A 310 17.97 -2.27 8.06
N LEU A 311 17.41 -1.09 8.37
CA LEU A 311 16.63 -0.35 7.40
C LEU A 311 17.43 0.03 6.16
N GLU A 312 18.75 0.17 6.27
CA GLU A 312 19.59 0.37 5.08
C GLU A 312 19.59 -0.84 4.16
N ALA A 313 19.77 -2.02 4.73
CA ALA A 313 19.86 -3.24 3.94
C ALA A 313 18.60 -3.44 3.12
N VAL A 314 17.45 -3.31 3.79
CA VAL A 314 16.14 -3.44 3.15
C VAL A 314 15.96 -2.35 2.10
N ASN A 315 16.12 -1.09 2.50
CA ASN A 315 15.98 0.06 1.57
C ASN A 315 16.86 -0.01 0.34
N LYS A 316 18.01 -0.65 0.44
CA LYS A 316 18.91 -0.78 -0.70
C LYS A 316 18.49 -1.88 -1.68
N ASP A 317 17.78 -2.90 -1.23
CA ASP A 317 17.20 -3.89 -2.12
C ASP A 317 16.08 -3.23 -2.92
N LYS A 318 15.09 -2.70 -2.21
CA LYS A 318 13.91 -2.10 -2.82
C LYS A 318 13.41 -1.06 -1.84
N PRO A 319 13.32 0.23 -2.24
CA PRO A 319 13.15 1.20 -1.16
C PRO A 319 11.80 1.18 -0.42
N LEU A 320 11.86 1.50 0.86
CA LEU A 320 10.68 1.47 1.74
C LEU A 320 9.84 2.74 1.63
N GLY A 321 10.50 3.85 1.31
CA GLY A 321 9.85 5.15 1.26
C GLY A 321 10.34 5.99 2.43
N ALA A 322 9.42 6.63 3.15
CA ALA A 322 9.78 7.40 4.33
C ALA A 322 9.74 6.49 5.57
N VAL A 323 10.89 6.00 6.01
CA VAL A 323 10.90 5.03 7.12
C VAL A 323 10.52 5.66 8.47
N ALA A 324 10.03 4.80 9.38
CA ALA A 324 9.42 5.25 10.63
C ALA A 324 10.47 5.57 11.66
N LEU A 325 11.71 5.13 11.45
CA LEU A 325 12.81 5.37 12.38
C LEU A 325 13.39 6.74 12.09
N LYS A 326 13.36 7.62 13.11
CA LYS A 326 13.71 9.03 12.94
C LYS A 326 15.11 9.23 12.41
N SER A 327 16.09 8.54 12.99
CA SER A 327 17.53 8.79 12.67
C SER A 327 17.86 8.49 11.22
N TYR A 328 17.26 7.41 10.69
CA TYR A 328 17.44 7.03 9.29
C TYR A 328 16.58 7.87 8.38
N GLU A 329 15.40 8.29 8.81
CA GLU A 329 14.59 9.17 7.96
C GLU A 329 15.28 10.52 7.64
N GLU A 330 16.11 11.03 8.54
CA GLU A 330 16.81 12.31 8.32
C GLU A 330 17.81 12.24 7.16
N GLU A 331 18.35 11.05 6.93
CA GLU A 331 19.20 10.82 5.78
C GLU A 331 18.38 10.61 4.49
N LEU A 332 17.20 10.00 4.59
CA LEU A 332 16.35 9.75 3.40
C LEU A 332 15.50 10.93 2.91
N ALA A 333 15.14 11.87 3.80
CA ALA A 333 14.35 13.07 3.43
C ALA A 333 15.07 14.00 2.42
N LYS A 334 16.41 13.88 2.35
CA LYS A 334 17.23 14.47 1.28
C LYS A 334 16.82 14.02 -0.12
N ASP A 335 16.46 12.75 -0.30
CA ASP A 335 16.04 12.23 -1.60
C ASP A 335 14.76 12.96 -2.11
N PRO A 336 14.86 13.61 -3.30
CA PRO A 336 13.68 14.28 -3.89
C PRO A 336 12.49 13.35 -4.08
N ARG A 337 12.79 12.12 -4.44
CA ARG A 337 11.78 11.10 -4.67
C ARG A 337 11.01 10.74 -3.36
N ILE A 338 11.68 10.88 -2.21
CA ILE A 338 11.03 10.70 -0.90
C ILE A 338 10.30 11.97 -0.44
N ALA A 339 10.82 13.15 -0.78
CA ALA A 339 10.07 14.39 -0.53
C ALA A 339 8.74 14.38 -1.31
N ALA A 340 8.77 13.83 -2.52
CA ALA A 340 7.55 13.69 -3.36
C ALA A 340 6.56 12.68 -2.75
N THR A 341 7.06 11.51 -2.37
CA THR A 341 6.27 10.55 -1.59
C THR A 341 5.61 11.21 -0.35
N MET A 342 6.31 12.07 0.38
CA MET A 342 5.69 12.70 1.57
C MET A 342 4.70 13.83 1.20
N GLU A 343 5.05 14.58 0.16
CA GLU A 343 4.13 15.50 -0.50
C GLU A 343 2.80 14.79 -0.78
N ASN A 344 2.86 13.65 -1.45
CA ASN A 344 1.63 12.91 -1.79
C ASN A 344 0.91 12.32 -0.59
N ALA A 345 1.66 11.80 0.38
CA ALA A 345 1.07 11.27 1.60
C ALA A 345 0.34 12.34 2.42
N GLN A 346 0.89 13.56 2.45
CA GLN A 346 0.25 14.67 3.19
C GLN A 346 -1.12 15.03 2.67
N LYS A 347 -1.23 15.01 1.35
CA LYS A 347 -2.45 15.26 0.60
C LYS A 347 -3.47 14.14 0.78
N GLY A 348 -2.98 12.98 1.14
CA GLY A 348 -3.82 11.85 1.44
C GLY A 348 -4.23 11.69 2.90
N GLU A 349 -4.67 10.47 3.22
CA GLU A 349 -5.23 10.14 4.51
C GLU A 349 -4.63 8.84 4.90
N ILE A 350 -4.32 8.67 6.17
CA ILE A 350 -3.82 7.41 6.61
C ILE A 350 -5.00 6.46 6.47
N MET A 351 -4.74 5.24 6.06
CA MET A 351 -5.76 4.21 5.93
C MET A 351 -6.34 3.90 7.29
N PRO A 352 -7.65 3.64 7.38
CA PRO A 352 -8.08 3.03 8.64
C PRO A 352 -7.40 1.69 8.85
N ASN A 353 -7.24 1.27 10.10
CA ASN A 353 -6.80 -0.11 10.38
C ASN A 353 -7.90 -1.07 10.83
N ILE A 354 -9.15 -0.60 10.85
CA ILE A 354 -10.28 -1.38 11.39
C ILE A 354 -10.50 -2.68 10.61
N PRO A 355 -11.16 -3.70 11.23
CA PRO A 355 -11.31 -5.01 10.56
C PRO A 355 -12.10 -4.99 9.26
N GLN A 356 -13.00 -4.02 9.11
CA GLN A 356 -13.89 -3.91 7.96
C GLN A 356 -13.19 -3.37 6.73
N MET A 357 -11.88 -3.13 6.80
CA MET A 357 -11.10 -2.79 5.61
C MET A 357 -10.94 -3.93 4.62
N SER A 358 -10.93 -5.15 5.10
CA SER A 358 -10.81 -6.29 4.21
C SER A 358 -12.07 -6.37 3.35
N ALA A 359 -13.22 -6.31 4.00
CA ALA A 359 -14.49 -6.28 3.32
C ALA A 359 -14.57 -5.12 2.33
N PHE A 360 -14.13 -3.95 2.77
CA PHE A 360 -14.20 -2.74 1.97
C PHE A 360 -13.39 -2.94 0.70
N TRP A 361 -12.15 -3.38 0.86
CA TRP A 361 -11.26 -3.58 -0.27
C TRP A 361 -11.76 -4.59 -1.31
N TYR A 362 -12.27 -5.71 -0.83
CA TYR A 362 -12.81 -6.74 -1.71
C TYR A 362 -13.90 -6.16 -2.58
N ALA A 363 -14.84 -5.46 -1.97
CA ALA A 363 -16.03 -4.99 -2.68
C ALA A 363 -15.69 -3.92 -3.70
N VAL A 364 -14.87 -2.96 -3.28
CA VAL A 364 -14.42 -1.84 -4.12
C VAL A 364 -13.68 -2.31 -5.36
N ARG A 365 -12.95 -3.36 -5.10
CA ARG A 365 -12.22 -4.04 -6.28
CA ARG A 365 -12.34 -4.06 -6.20
C ARG A 365 -13.15 -4.71 -7.40
N THR A 366 -14.28 -5.24 -6.86
CA THR A 366 -15.31 -5.71 -7.83
C THR A 366 -15.95 -4.53 -8.59
N ALA A 367 -16.28 -3.48 -7.85
CA ALA A 367 -17.00 -2.33 -8.39
C ALA A 367 -16.21 -1.64 -9.50
N VAL A 368 -14.96 -1.32 -9.18
CA VAL A 368 -14.06 -0.67 -10.13
C VAL A 368 -13.82 -1.55 -11.36
N ILE A 369 -13.52 -2.85 -11.17
CA ILE A 369 -13.27 -3.75 -12.30
C ILE A 369 -14.49 -3.71 -13.23
N ASN A 370 -15.66 -3.95 -12.66
CA ASN A 370 -16.92 -3.97 -13.41
C ASN A 370 -17.22 -2.67 -14.13
N ALA A 371 -17.11 -1.54 -13.42
CA ALA A 371 -17.23 -0.21 -14.03
C ALA A 371 -16.22 -0.01 -15.18
N ALA A 372 -14.97 -0.41 -14.95
CA ALA A 372 -13.91 -0.28 -15.94
C ALA A 372 -14.08 -1.18 -17.17
N SER A 373 -14.75 -2.32 -17.04
CA SER A 373 -14.94 -3.25 -18.16
C SER A 373 -16.26 -3.06 -18.90
N GLY A 374 -17.10 -2.13 -18.45
CA GLY A 374 -18.42 -1.94 -19.04
C GLY A 374 -19.50 -2.89 -18.57
N ARG A 375 -19.18 -3.93 -17.80
CA ARG A 375 -20.21 -4.79 -17.16
C ARG A 375 -21.34 -3.97 -16.51
N GLN A 376 -20.96 -2.89 -15.83
CA GLN A 376 -21.91 -1.97 -15.21
C GLN A 376 -21.49 -0.53 -15.46
N THR A 377 -22.44 0.39 -15.25
CA THR A 377 -22.11 1.81 -15.24
C THR A 377 -21.62 2.22 -13.87
N VAL A 378 -20.93 3.35 -13.87
CA VAL A 378 -20.29 3.88 -12.69
C VAL A 378 -21.35 4.07 -11.61
N ASP A 379 -22.47 4.67 -11.97
CA ASP A 379 -23.52 4.91 -11.01
C ASP A 379 -24.14 3.59 -10.48
N GLU A 380 -24.21 2.57 -11.31
CA GLU A 380 -24.69 1.25 -10.85
C GLU A 380 -23.66 0.56 -9.98
N ALA A 381 -22.42 0.54 -10.45
CA ALA A 381 -21.33 -0.20 -9.80
C ALA A 381 -21.16 0.19 -8.34
N LEU A 382 -21.10 1.49 -8.08
CA LEU A 382 -20.89 1.93 -6.71
C LEU A 382 -22.18 2.35 -5.98
N LYS A 383 -23.33 2.18 -6.62
CA LYS A 383 -24.60 2.12 -5.89
C LYS A 383 -24.79 0.73 -5.29
N ASP A 384 -24.49 -0.31 -6.06
CA ASP A 384 -24.52 -1.66 -5.49
C ASP A 384 -23.54 -1.76 -4.31
N LEU A 385 -22.33 -1.25 -4.50
CA LEU A 385 -21.30 -1.22 -3.47
C LEU A 385 -21.81 -0.77 -2.11
N LYS A 386 -22.37 0.44 -2.07
CA LYS A 386 -22.85 1.01 -0.82
C LYS A 386 -24.07 0.27 -0.29
N GLU A 387 -25.00 0.01 -1.18
CA GLU A 387 -26.32 -0.48 -0.81
C GLU A 387 -26.29 -1.93 -0.32
N LYS A 388 -25.32 -2.74 -0.77
CA LYS A 388 -25.28 -4.19 -0.48
C LYS A 388 -23.86 -4.79 -0.30
N ARG A 389 -22.98 -4.46 -1.22
CA ARG A 389 -21.70 -5.30 -1.26
CA ARG A 389 -21.73 -5.19 -1.23
C ARG A 389 -20.66 -5.20 -0.05
N ILE A 390 -20.59 -3.97 0.42
CA ILE A 390 -19.69 -3.80 1.54
C ILE A 390 -20.26 -4.56 2.74
N THR A 391 -21.53 -4.34 3.05
CA THR A 391 -22.22 -5.01 4.16
C THR A 391 -22.31 -6.52 3.99
N ASN A 392 -22.63 -6.99 2.78
CA ASN A 392 -22.63 -8.41 2.49
C ASN A 392 -21.27 -9.04 2.74
N THR A 393 -20.23 -8.40 2.24
CA THR A 393 -18.86 -8.84 2.46
C THR A 393 -18.43 -8.67 3.96
N GLU A 394 -18.82 -7.59 4.63
CA GLU A 394 -18.54 -7.47 6.07
C GLU A 394 -19.08 -8.71 6.78
N ALA A 395 -20.33 -9.05 6.47
CA ALA A 395 -21.01 -10.20 7.08
C ALA A 395 -20.42 -11.53 6.67
N ALA A 396 -19.94 -11.66 5.43
CA ALA A 396 -19.31 -12.89 4.98
C ALA A 396 -17.93 -13.16 5.62
N ILE A 397 -17.14 -12.09 5.79
CA ILE A 397 -15.80 -12.20 6.38
C ILE A 397 -16.00 -12.60 7.84
N ALA A 398 -16.91 -11.90 8.52
CA ALA A 398 -17.15 -12.09 9.95
C ALA A 398 -17.92 -13.36 10.31
N THR A 399 -18.45 -14.07 9.31
CA THR A 399 -19.21 -15.29 9.58
C THR A 399 -18.39 -16.59 9.44
N GLY A 400 -17.20 -16.56 8.83
CA GLY A 400 -16.35 -17.76 8.72
C GLY A 400 -15.96 -18.10 7.29
N LYS A 401 -16.91 -17.87 6.37
CA LYS A 401 -16.64 -17.65 4.93
C LYS A 401 -17.86 -16.99 4.25
C1 GLC B . 1.60 -2.73 -2.08
C2 GLC B . 1.27 -1.77 -0.94
C3 GLC B . -0.03 -2.14 -0.25
C4 GLC B . -1.11 -2.30 -1.33
C5 GLC B . -0.71 -3.16 -2.54
C6 GLC B . -1.73 -3.02 -3.66
O1 GLC B . 1.80 -4.01 -1.46
O2 GLC B . 2.28 -1.79 0.04
O3 GLC B . -0.27 -1.15 0.77
O4 GLC B . -2.28 -2.93 -0.79
O5 GLC B . 0.55 -2.78 -3.06
O6 GLC B . -1.95 -4.28 -4.29
C1 GLC B . -3.28 -2.02 -0.34
C2 GLC B . -3.75 -2.40 1.06
C3 GLC B . -4.25 -3.83 0.99
C4 GLC B . -5.30 -3.98 -0.08
C5 GLC B . -4.89 -3.38 -1.41
C6 GLC B . -6.06 -3.23 -2.37
O2 GLC B . -2.65 -2.23 1.94
O3 GLC B . -4.80 -4.21 2.26
O4 GLC B . -5.52 -5.36 -0.28
O5 GLC B . -4.38 -2.08 -1.23
O6 GLC B . -5.60 -2.78 -3.67
S SO4 C . -2.38 -7.19 -9.67
O1 SO4 C . -1.57 -7.08 -10.90
O2 SO4 C . -1.46 -7.28 -8.49
O3 SO4 C . -3.17 -5.95 -9.53
O4 SO4 C . -3.38 -8.29 -9.78
#